data_4CG9
#
_entry.id   4CG9
#
_cell.length_a   61.080
_cell.length_b   61.080
_cell.length_c   220.560
_cell.angle_alpha   90.00
_cell.angle_beta   90.00
_cell.angle_gamma   90.00
#
_symmetry.space_group_name_H-M   'P 43 21 2'
#
loop_
_entity.id
_entity.type
_entity.pdbx_description
1 polymer 'CHOLINE KINASE ALPHA'
2 non-polymer N,N-dimethyl-1-[(4-phenylphenyl)methyl]pyridin-1-ium-4-amine
3 water water
#
_entity_poly.entity_id   1
_entity_poly.type   'polypeptide(L)'
_entity_poly.pdbx_seq_one_letter_code
;PQPPADEQPEPRTRRRAYLWCKEFLPGAWRGLREDEFHISVIRGGLSNMLFQCSLPDTTATLGDEPRKVLLRLYGAILQM
RSCNKEGSEQAQKENEFQGAEAMVLESVMFAILAERSLGPKLYGIFPQGRLEQFIPSRRLDTEELSLPDISAEIAEKMAT
FHGMKMPFNKEPKWLFGTMEKYLKEVLRIKFTEESRIKKLHKLLSYNLPLELENLRSLLESTPSPVVFCHNDCQEGNILL
LEGRENSEKQKLMLIDFEYSSYNYRGFDIGNHFCEWMYDYSYEKYPFFRANIRKYPTKKQQLHFISSYLPAFQNDFENLS
TEEKSIIKEEMLLEVNRFALASHFLWGLWSIVQAKISSIEFGYMDYAQARFDAYFHQKRKLGV
;
_entity_poly.pdbx_strand_id   A
#
# COMPACT_ATOMS: atom_id res chain seq x y z
N GLU A 7 20.72 -9.89 12.21
CA GLU A 7 20.44 -9.40 13.58
C GLU A 7 19.61 -10.40 14.37
N GLN A 8 19.93 -10.57 15.64
CA GLN A 8 19.20 -11.49 16.51
C GLN A 8 18.24 -10.71 17.41
N PRO A 9 17.04 -11.27 17.68
CA PRO A 9 16.11 -10.60 18.59
C PRO A 9 16.53 -10.72 20.05
N GLU A 10 15.88 -9.96 20.93
CA GLU A 10 16.03 -10.12 22.38
C GLU A 10 15.76 -11.58 22.75
N PRO A 11 16.51 -12.13 23.72
CA PRO A 11 16.28 -13.49 24.19
C PRO A 11 14.80 -13.83 24.47
N ARG A 12 14.09 -12.88 25.06
CA ARG A 12 12.66 -13.01 25.38
C ARG A 12 11.83 -13.25 24.12
N THR A 13 12.15 -12.51 23.07
CA THR A 13 11.44 -12.57 21.80
C THR A 13 11.75 -13.89 21.11
N ARG A 14 13.00 -14.31 21.18
CA ARG A 14 13.38 -15.59 20.61
C ARG A 14 12.53 -16.70 21.25
N ARG A 15 12.36 -16.64 22.55
CA ARG A 15 11.63 -17.71 23.21
C ARG A 15 10.12 -17.68 22.92
N ARG A 16 9.54 -16.49 22.87
CA ARG A 16 8.11 -16.38 22.50
C ARG A 16 7.83 -16.84 21.07
N ALA A 17 8.75 -16.52 20.17
CA ALA A 17 8.69 -16.92 18.75
C ALA A 17 8.80 -18.44 18.58
N TYR A 18 9.73 -19.03 19.32
CA TYR A 18 9.91 -20.48 19.34
C TYR A 18 8.61 -21.15 19.70
N LEU A 19 7.95 -20.63 20.74
CA LEU A 19 6.71 -21.22 21.26
C LEU A 19 5.55 -21.06 20.31
N TRP A 20 5.43 -19.90 19.67
CA TRP A 20 4.41 -19.72 18.63
C TRP A 20 4.60 -20.69 17.48
N CYS A 21 5.82 -20.80 16.95
CA CYS A 21 6.10 -21.73 15.83
C CYS A 21 5.82 -23.17 16.23
N LYS A 22 6.31 -23.56 17.42
CA LYS A 22 6.15 -24.93 17.92
C LYS A 22 4.69 -25.29 18.05
N GLU A 23 3.87 -24.35 18.49
CA GLU A 23 2.46 -24.66 18.79
C GLU A 23 1.48 -24.44 17.63
N PHE A 24 1.77 -23.49 16.74
CA PHE A 24 0.90 -23.21 15.57
C PHE A 24 1.27 -23.92 14.27
N LEU A 25 2.51 -24.39 14.15
CA LEU A 25 2.91 -25.05 12.90
C LEU A 25 2.96 -26.57 13.05
N PRO A 26 2.51 -27.31 12.01
CA PRO A 26 2.49 -28.78 12.04
C PRO A 26 3.87 -29.42 11.72
N GLY A 27 3.93 -30.75 11.77
CA GLY A 27 5.12 -31.49 11.31
C GLY A 27 6.34 -31.29 12.18
N ALA A 28 7.47 -31.01 11.53
CA ALA A 28 8.77 -30.98 12.20
C ALA A 28 8.81 -29.89 13.27
N TRP A 29 8.00 -28.86 13.12
CA TRP A 29 7.93 -27.76 14.09
C TRP A 29 7.54 -28.22 15.49
N ARG A 30 6.67 -29.21 15.56
CA ARG A 30 6.19 -29.73 16.86
C ARG A 30 7.33 -30.37 17.69
N GLY A 31 8.29 -30.99 17.01
CA GLY A 31 9.39 -31.70 17.67
C GLY A 31 10.67 -30.89 17.78
N LEU A 32 10.65 -29.65 17.33
CA LEU A 32 11.84 -28.82 17.30
C LEU A 32 12.33 -28.47 18.72
N ARG A 33 13.63 -28.61 18.95
CA ARG A 33 14.24 -28.17 20.20
C ARG A 33 14.58 -26.70 20.11
N GLU A 34 14.46 -25.97 21.23
CA GLU A 34 14.75 -24.54 21.24
C GLU A 34 16.12 -24.25 20.67
N ASP A 35 17.07 -25.13 20.95
CA ASP A 35 18.47 -24.85 20.64
C ASP A 35 18.81 -25.04 19.16
N GLU A 36 17.81 -25.40 18.36
CA GLU A 36 17.97 -25.56 16.91
C GLU A 36 17.04 -24.64 16.11
N PHE A 37 16.29 -23.82 16.83
CA PHE A 37 15.35 -22.89 16.23
C PHE A 37 16.18 -21.70 15.70
N HIS A 38 15.93 -21.30 14.45
CA HIS A 38 16.58 -20.14 13.88
C HIS A 38 15.63 -18.98 13.70
N ILE A 39 16.10 -17.80 14.09
CA ILE A 39 15.31 -16.58 13.94
C ILE A 39 16.24 -15.38 13.70
N SER A 40 15.83 -14.51 12.79
CA SER A 40 16.53 -13.25 12.58
C SER A 40 15.55 -12.11 12.36
N VAL A 41 15.96 -10.92 12.81
CA VAL A 41 15.15 -9.72 12.68
C VAL A 41 15.22 -9.22 11.25
N ILE A 42 14.04 -9.08 10.64
CA ILE A 42 13.92 -8.47 9.31
C ILE A 42 13.65 -6.98 9.50
N ARG A 43 12.70 -6.65 10.37
CA ARG A 43 12.39 -5.26 10.69
C ARG A 43 12.21 -5.05 12.20
N GLY A 44 13.03 -4.17 12.76
CA GLY A 44 12.91 -3.80 14.16
C GLY A 44 11.96 -2.64 14.37
N GLY A 45 12.01 -2.04 15.55
CA GLY A 45 11.12 -0.94 15.91
C GLY A 45 10.33 -1.25 17.15
N LEU A 46 9.32 -0.43 17.41
CA LEU A 46 8.47 -0.59 18.59
C LEU A 46 7.17 -1.31 18.21
N SER A 47 6.74 -1.12 16.97
CA SER A 47 5.51 -1.72 16.50
C SER A 47 5.67 -2.30 15.10
N ASN A 48 4.90 -3.36 14.82
CA ASN A 48 4.89 -4.05 13.52
C ASN A 48 6.26 -4.68 13.13
N MET A 49 6.95 -5.19 14.15
CA MET A 49 8.25 -5.86 13.98
C MET A 49 8.09 -7.16 13.19
N LEU A 50 9.01 -7.38 12.25
CA LEU A 50 9.00 -8.58 11.39
C LEU A 50 10.23 -9.46 11.65
N PHE A 51 10.01 -10.77 11.76
CA PHE A 51 11.09 -11.75 11.91
C PHE A 51 10.97 -12.92 10.92
N GLN A 52 12.09 -13.51 10.57
CA GLN A 52 12.14 -14.74 9.81
C GLN A 52 12.46 -15.92 10.75
N CYS A 53 11.57 -16.91 10.80
CA CYS A 53 11.77 -18.09 11.66
C CYS A 53 11.92 -19.31 10.79
N SER A 54 12.82 -20.23 11.16
CA SER A 54 13.14 -21.34 10.26
C SER A 54 13.62 -22.59 10.95
N LEU A 55 13.34 -23.73 10.32
CA LEU A 55 13.87 -25.03 10.73
C LEU A 55 15.37 -25.07 10.47
N PRO A 56 16.13 -25.86 11.24
CA PRO A 56 17.51 -26.15 10.86
C PRO A 56 17.56 -26.99 9.60
N ASP A 57 18.64 -26.85 8.84
CA ASP A 57 18.83 -27.63 7.63
C ASP A 57 18.86 -29.13 7.95
N THR A 58 19.19 -29.48 9.20
CA THR A 58 19.31 -30.88 9.60
C THR A 58 17.97 -31.52 10.00
N THR A 59 16.89 -30.73 9.97
CA THR A 59 15.55 -31.22 10.28
C THR A 59 14.72 -31.38 9.01
N ALA A 60 14.23 -32.60 8.76
CA ALA A 60 13.45 -32.90 7.56
C ALA A 60 11.97 -32.48 7.72
N THR A 61 11.34 -32.05 6.63
CA THR A 61 9.90 -31.81 6.66
C THR A 61 9.13 -33.13 6.71
N LEU A 62 8.07 -33.19 7.51
CA LEU A 62 7.35 -34.45 7.72
C LEU A 62 6.08 -34.53 6.90
N GLY A 63 5.58 -33.36 6.49
CA GLY A 63 4.37 -33.24 5.66
C GLY A 63 4.62 -32.10 4.70
N ASP A 64 3.69 -31.15 4.65
CA ASP A 64 3.92 -29.96 3.83
C ASP A 64 3.99 -28.67 4.65
N GLU A 65 4.48 -28.81 5.89
CA GLU A 65 4.75 -27.65 6.74
C GLU A 65 5.84 -26.80 6.08
N PRO A 66 5.75 -25.45 6.24
CA PRO A 66 6.80 -24.64 5.61
C PRO A 66 8.10 -24.80 6.41
N ARG A 67 9.23 -24.56 5.74
CA ARG A 67 10.54 -24.63 6.40
C ARG A 67 10.95 -23.26 6.98
N LYS A 68 10.33 -22.21 6.47
CA LYS A 68 10.58 -20.84 6.86
C LYS A 68 9.25 -20.11 6.92
N VAL A 69 9.09 -19.24 7.92
CA VAL A 69 7.87 -18.44 8.07
C VAL A 69 8.20 -17.00 8.48
N LEU A 70 7.24 -16.12 8.32
CA LEU A 70 7.35 -14.72 8.74
C LEU A 70 6.54 -14.53 10.00
N LEU A 71 7.19 -14.01 11.03
CA LEU A 71 6.52 -13.63 12.26
C LEU A 71 6.37 -12.12 12.25
N ARG A 72 5.13 -11.66 12.44
CA ARG A 72 4.79 -10.23 12.51
C ARG A 72 4.35 -9.98 13.94
N LEU A 73 4.97 -9.01 14.60
CA LEU A 73 4.57 -8.66 15.95
C LEU A 73 3.93 -7.29 15.94
N TYR A 74 2.75 -7.17 16.56
CA TYR A 74 2.03 -5.90 16.52
C TYR A 74 2.76 -4.76 17.20
N GLY A 75 3.21 -4.99 18.43
CA GLY A 75 3.93 -3.96 19.19
C GLY A 75 2.98 -3.11 20.01
N ALA A 76 2.83 -1.84 19.64
CA ALA A 76 1.99 -0.90 20.38
C ALA A 76 1.31 0.11 19.46
N GLU A 101 -11.77 -3.46 17.15
CA GLU A 101 -12.50 -3.68 15.91
C GLU A 101 -11.56 -3.69 14.70
N ALA A 102 -10.65 -2.73 14.63
CA ALA A 102 -9.66 -2.68 13.54
C ALA A 102 -8.89 -4.00 13.37
N MET A 103 -8.50 -4.62 14.49
CA MET A 103 -7.80 -5.91 14.43
C MET A 103 -8.69 -7.04 13.91
N VAL A 104 -9.95 -7.06 14.31
CA VAL A 104 -10.91 -8.04 13.75
C VAL A 104 -10.95 -7.96 12.22
N LEU A 105 -11.21 -6.77 11.70
CA LEU A 105 -11.33 -6.55 10.25
C LEU A 105 -10.02 -6.82 9.54
N GLU A 106 -8.91 -6.35 10.09
CA GLU A 106 -7.63 -6.62 9.44
C GLU A 106 -7.34 -8.14 9.36
N SER A 107 -7.64 -8.85 10.43
CA SER A 107 -7.38 -10.29 10.50
C SER A 107 -8.26 -11.07 9.53
N VAL A 108 -9.52 -10.70 9.46
CA VAL A 108 -10.49 -11.39 8.59
C VAL A 108 -10.08 -11.14 7.15
N MET A 109 -9.76 -9.88 6.83
CA MET A 109 -9.35 -9.54 5.48
C MET A 109 -8.13 -10.36 5.07
N PHE A 110 -7.12 -10.43 5.94
CA PHE A 110 -5.89 -11.15 5.64
C PHE A 110 -6.16 -12.65 5.42
N ALA A 111 -7.02 -13.24 6.27
CA ALA A 111 -7.41 -14.65 6.13
C ALA A 111 -8.14 -14.91 4.81
N ILE A 112 -9.04 -14.00 4.42
CA ILE A 112 -9.79 -14.18 3.18
C ILE A 112 -8.87 -14.09 1.98
N LEU A 113 -7.99 -13.08 1.97
CA LEU A 113 -7.06 -12.90 0.85
C LEU A 113 -6.12 -14.10 0.71
N ALA A 114 -5.74 -14.70 1.84
CA ALA A 114 -4.92 -15.93 1.87
C ALA A 114 -5.64 -17.12 1.27
N GLU A 115 -6.88 -17.37 1.68
CA GLU A 115 -7.73 -18.42 1.07
C GLU A 115 -7.83 -18.32 -0.45
N ARG A 116 -7.99 -17.09 -0.93
CA ARG A 116 -8.20 -16.83 -2.34
C ARG A 116 -6.88 -16.78 -3.12
N SER A 117 -5.77 -17.07 -2.44
CA SER A 117 -4.39 -17.02 -3.00
C SER A 117 -3.95 -15.65 -3.51
N LEU A 118 -4.54 -14.59 -3.00
CA LEU A 118 -4.10 -13.25 -3.41
C LEU A 118 -2.96 -12.73 -2.55
N GLY A 119 -3.01 -13.05 -1.25
CA GLY A 119 -1.93 -12.70 -0.34
C GLY A 119 -1.21 -13.94 0.20
N PRO A 120 -0.21 -13.71 1.07
CA PRO A 120 0.57 -14.78 1.70
C PRO A 120 -0.34 -15.63 2.55
N LYS A 121 -0.03 -16.92 2.65
CA LYS A 121 -0.80 -17.81 3.48
C LYS A 121 -0.77 -17.39 4.96
N LEU A 122 -1.86 -17.67 5.67
CA LEU A 122 -1.93 -17.39 7.10
C LEU A 122 -1.73 -18.68 7.92
N TYR A 123 -0.63 -18.77 8.67
CA TYR A 123 -0.31 -19.98 9.46
C TYR A 123 -0.78 -19.91 10.93
N GLY A 124 -0.82 -18.71 11.47
CA GLY A 124 -1.17 -18.54 12.89
C GLY A 124 -1.63 -17.16 13.24
N ILE A 125 -2.66 -17.08 14.07
CA ILE A 125 -3.12 -15.81 14.59
C ILE A 125 -3.26 -15.88 16.11
N PHE A 126 -2.73 -14.85 16.78
CA PHE A 126 -2.71 -14.75 18.24
C PHE A 126 -2.72 -13.27 18.68
N PRO A 127 -2.99 -12.99 19.97
CA PRO A 127 -3.16 -11.57 20.33
C PRO A 127 -1.98 -10.66 19.96
N GLN A 128 -0.76 -11.19 20.09
CA GLN A 128 0.44 -10.39 19.86
C GLN A 128 0.88 -10.26 18.41
N GLY A 129 0.38 -11.11 17.53
CA GLY A 129 0.81 -11.08 16.14
C GLY A 129 0.26 -12.18 15.24
N ARG A 130 0.98 -12.44 14.15
CA ARG A 130 0.59 -13.44 13.15
C ARG A 130 1.83 -14.18 12.64
N LEU A 131 1.63 -15.44 12.23
CA LEU A 131 2.59 -16.22 11.44
C LEU A 131 2.07 -16.31 10.01
N GLU A 132 2.86 -15.80 9.06
CA GLU A 132 2.46 -15.66 7.67
C GLU A 132 3.47 -16.43 6.82
N GLN A 133 3.06 -16.82 5.61
CA GLN A 133 3.98 -17.37 4.63
C GLN A 133 5.16 -16.41 4.37
N PHE A 134 6.37 -16.97 4.29
CA PHE A 134 7.53 -16.17 3.89
C PHE A 134 7.72 -16.31 2.36
N ILE A 135 7.72 -15.19 1.64
CA ILE A 135 7.80 -15.20 0.18
C ILE A 135 9.15 -14.59 -0.26
N PRO A 136 10.08 -15.43 -0.72
CA PRO A 136 11.37 -14.92 -1.19
C PRO A 136 11.12 -13.88 -2.27
N SER A 137 11.63 -12.68 -2.05
CA SER A 137 11.35 -11.56 -2.96
C SER A 137 12.20 -10.38 -2.55
N ARG A 138 12.15 -9.34 -3.36
CA ARG A 138 12.59 -8.00 -2.96
C ARG A 138 11.50 -7.03 -3.37
N ARG A 139 11.49 -5.83 -2.78
CA ARG A 139 10.49 -4.84 -3.14
C ARG A 139 10.93 -4.11 -4.41
N LEU A 140 9.98 -3.58 -5.17
CA LEU A 140 10.32 -2.76 -6.33
C LEU A 140 10.90 -1.42 -5.87
N ASP A 141 11.74 -0.76 -6.69
CA ASP A 141 12.08 0.64 -6.47
C ASP A 141 11.18 1.50 -7.32
N THR A 142 11.21 2.81 -7.07
CA THR A 142 10.39 3.79 -7.77
C THR A 142 10.53 3.70 -9.30
N GLU A 143 11.77 3.63 -9.80
CA GLU A 143 12.01 3.64 -11.25
C GLU A 143 11.41 2.44 -11.99
N GLU A 144 11.30 1.31 -11.29
CA GLU A 144 10.77 0.09 -11.86
C GLU A 144 9.26 0.18 -12.16
N LEU A 145 8.56 1.09 -11.46
CA LEU A 145 7.13 1.28 -11.72
C LEU A 145 6.80 1.71 -13.15
N SER A 146 7.74 2.38 -13.80
CA SER A 146 7.58 2.85 -15.18
C SER A 146 7.91 1.81 -16.24
N LEU A 147 8.53 0.70 -15.85
CA LEU A 147 8.80 -0.36 -16.82
C LEU A 147 7.47 -0.91 -17.38
N PRO A 148 7.33 -0.94 -18.73
CA PRO A 148 6.06 -1.31 -19.38
C PRO A 148 5.51 -2.64 -18.88
N ASP A 149 6.38 -3.65 -18.87
CA ASP A 149 6.09 -4.97 -18.36
C ASP A 149 5.63 -5.00 -16.88
N ILE A 150 6.31 -4.22 -16.04
CA ILE A 150 5.98 -4.11 -14.62
C ILE A 150 4.64 -3.41 -14.44
N SER A 151 4.47 -2.25 -15.10
CA SER A 151 3.23 -1.48 -15.03
C SER A 151 2.02 -2.29 -15.47
N ALA A 152 2.13 -3.01 -16.59
CA ALA A 152 1.03 -3.88 -17.05
C ALA A 152 0.64 -4.92 -15.98
N GLU A 153 1.61 -5.56 -15.35
CA GLU A 153 1.25 -6.51 -14.30
C GLU A 153 0.68 -5.87 -13.03
N ILE A 154 1.20 -4.71 -12.62
CA ILE A 154 0.60 -3.98 -11.49
C ILE A 154 -0.89 -3.73 -11.81
N ALA A 155 -1.19 -3.30 -13.04
CA ALA A 155 -2.57 -3.04 -13.46
C ALA A 155 -3.48 -4.28 -13.34
N GLU A 156 -2.95 -5.41 -13.79
CA GLU A 156 -3.67 -6.68 -13.71
CA GLU A 156 -3.64 -6.70 -13.71
C GLU A 156 -3.87 -7.11 -12.26
N LYS A 157 -2.83 -7.00 -11.43
CA LYS A 157 -2.95 -7.32 -10.00
C LYS A 157 -3.99 -6.44 -9.28
N MET A 158 -3.99 -5.16 -9.61
CA MET A 158 -4.96 -4.24 -9.02
C MET A 158 -6.37 -4.49 -9.49
N ALA A 159 -6.53 -4.75 -10.80
CA ALA A 159 -7.84 -5.19 -11.30
C ALA A 159 -8.34 -6.46 -10.59
N THR A 160 -7.46 -7.41 -10.33
CA THR A 160 -7.85 -8.66 -9.62
C THR A 160 -8.27 -8.35 -8.17
N PHE A 161 -7.51 -7.46 -7.53
CA PHE A 161 -7.81 -7.05 -6.18
C PHE A 161 -9.19 -6.36 -6.17
N HIS A 162 -9.47 -5.51 -7.17
CA HIS A 162 -10.75 -4.79 -7.27
C HIS A 162 -11.95 -5.66 -7.49
N GLY A 163 -11.73 -6.88 -7.98
CA GLY A 163 -12.85 -7.83 -8.14
C GLY A 163 -13.22 -8.61 -6.87
N MET A 164 -12.51 -8.38 -5.76
CA MET A 164 -12.78 -9.11 -4.50
C MET A 164 -14.06 -8.63 -3.84
N LYS A 165 -14.92 -9.57 -3.46
CA LYS A 165 -16.06 -9.26 -2.62
C LYS A 165 -15.65 -9.54 -1.20
N MET A 166 -15.85 -8.55 -0.34
CA MET A 166 -15.37 -8.62 1.03
C MET A 166 -16.51 -8.27 1.98
N PRO A 167 -16.46 -8.78 3.22
CA PRO A 167 -17.64 -8.56 4.08
C PRO A 167 -17.57 -7.27 4.89
N PHE A 168 -17.15 -6.19 4.25
CA PHE A 168 -17.00 -4.90 4.90
C PHE A 168 -17.95 -3.87 4.31
N ASN A 169 -18.05 -2.72 4.97
CA ASN A 169 -18.97 -1.65 4.56
C ASN A 169 -18.68 -1.23 3.14
N LYS A 170 -19.69 -1.23 2.27
CA LYS A 170 -19.47 -0.88 0.85
C LYS A 170 -19.82 0.56 0.48
N GLU A 171 -20.21 1.34 1.48
CA GLU A 171 -20.37 2.77 1.27
C GLU A 171 -19.00 3.42 1.07
N PRO A 172 -18.84 4.27 0.05
CA PRO A 172 -17.49 4.83 -0.14
C PRO A 172 -17.23 6.01 0.80
N LYS A 173 -17.34 5.80 2.10
CA LYS A 173 -17.17 6.92 3.02
C LYS A 173 -15.71 7.13 3.43
N TRP A 174 -14.86 6.15 3.13
CA TRP A 174 -13.48 6.15 3.60
C TRP A 174 -12.73 7.37 3.15
N LEU A 175 -12.83 7.71 1.86
CA LEU A 175 -11.98 8.75 1.28
C LEU A 175 -12.16 10.08 1.99
N PHE A 176 -13.36 10.63 1.93
CA PHE A 176 -13.60 11.96 2.46
C PHE A 176 -13.81 11.93 3.95
N GLY A 177 -14.28 10.79 4.45
CA GLY A 177 -14.36 10.50 5.88
C GLY A 177 -12.97 10.66 6.48
N THR A 178 -11.98 10.06 5.83
CA THR A 178 -10.63 10.11 6.34
C THR A 178 -9.98 11.47 6.13
N MET A 179 -10.20 12.09 4.97
CA MET A 179 -9.66 13.45 4.75
C MET A 179 -10.25 14.46 5.76
N GLU A 180 -11.55 14.37 6.03
CA GLU A 180 -12.17 15.25 7.03
C GLU A 180 -11.57 15.05 8.41
N LYS A 181 -11.43 13.80 8.83
CA LYS A 181 -10.86 13.49 10.14
C LYS A 181 -9.45 14.07 10.28
N TYR A 182 -8.61 13.84 9.27
CA TYR A 182 -7.26 14.36 9.26
C TYR A 182 -7.22 15.88 9.27
N LEU A 183 -8.11 16.52 8.51
CA LEU A 183 -8.18 17.97 8.50
C LEU A 183 -8.46 18.55 9.89
N LYS A 184 -9.43 17.94 10.57
CA LYS A 184 -9.80 18.36 11.93
C LYS A 184 -8.59 18.21 12.84
N GLU A 185 -7.85 17.12 12.69
CA GLU A 185 -6.68 16.86 13.53
C GLU A 185 -5.59 17.90 13.29
N VAL A 186 -5.35 18.19 12.01
CA VAL A 186 -4.33 19.14 11.56
C VAL A 186 -4.57 20.55 12.12
N LEU A 187 -5.81 21.03 12.00
CA LEU A 187 -6.19 22.36 12.52
C LEU A 187 -6.14 22.45 14.05
N ARG A 188 -5.93 21.33 14.73
CA ARG A 188 -5.82 21.36 16.21
C ARG A 188 -4.42 21.09 16.71
N ILE A 189 -3.50 20.86 15.78
CA ILE A 189 -2.10 20.62 16.12
C ILE A 189 -1.50 21.90 16.69
N LYS A 190 -0.78 21.74 17.78
CA LYS A 190 0.06 22.80 18.31
C LYS A 190 1.44 22.21 18.34
N PHE A 191 2.27 22.61 17.37
CA PHE A 191 3.68 22.26 17.34
C PHE A 191 4.44 23.17 18.30
N THR A 192 5.60 22.73 18.74
CA THR A 192 6.43 23.58 19.59
C THR A 192 7.72 24.00 18.89
N GLU A 193 8.16 23.19 17.94
CA GLU A 193 9.42 23.44 17.23
C GLU A 193 9.20 24.47 16.12
N GLU A 194 10.12 25.41 16.04
CA GLU A 194 10.00 26.62 15.22
C GLU A 194 9.77 26.37 13.73
N SER A 195 10.53 25.45 13.13
CA SER A 195 10.41 25.13 11.71
C SER A 195 9.07 24.48 11.35
N ARG A 196 8.55 23.63 12.25
CA ARG A 196 7.27 22.98 12.02
C ARG A 196 6.10 23.97 12.17
N ILE A 197 6.20 24.89 13.14
CA ILE A 197 5.19 25.95 13.28
C ILE A 197 5.06 26.74 11.97
N LYS A 198 6.22 27.10 11.41
CA LYS A 198 6.31 27.91 10.19
C LYS A 198 5.73 27.18 9.00
N LYS A 199 6.12 25.91 8.89
CA LYS A 199 5.71 25.08 7.76
C LYS A 199 4.22 24.82 7.77
N LEU A 200 3.65 24.62 8.96
CA LEU A 200 2.23 24.41 9.10
C LEU A 200 1.42 25.67 8.76
N HIS A 201 1.96 26.83 9.13
CA HIS A 201 1.30 28.09 8.85
C HIS A 201 1.21 28.29 7.37
N LYS A 202 2.28 27.97 6.65
CA LYS A 202 2.21 27.99 5.19
C LYS A 202 1.17 27.00 4.62
N LEU A 203 1.14 25.79 5.15
CA LEU A 203 0.20 24.76 4.67
C LEU A 203 -1.28 25.10 4.94
N LEU A 204 -1.55 25.77 6.06
CA LEU A 204 -2.92 26.14 6.42
C LEU A 204 -3.41 27.43 5.74
N SER A 205 -2.47 28.20 5.18
CA SER A 205 -2.75 29.48 4.55
C SER A 205 -3.56 29.35 3.28
N TYR A 206 -3.57 28.14 2.69
CA TYR A 206 -4.35 27.86 1.49
C TYR A 206 -5.87 27.83 1.70
N ASN A 207 -6.31 27.75 2.97
CA ASN A 207 -7.73 27.57 3.33
C ASN A 207 -8.23 26.16 2.93
N LEU A 208 -7.75 25.19 3.66
CA LEU A 208 -7.98 23.78 3.40
C LEU A 208 -9.44 23.31 3.48
N PRO A 209 -10.24 23.87 4.42
CA PRO A 209 -11.66 23.47 4.40
C PRO A 209 -12.35 23.78 3.08
N LEU A 210 -12.16 24.99 2.55
CA LEU A 210 -12.74 25.34 1.24
C LEU A 210 -12.18 24.46 0.13
N GLU A 211 -10.87 24.24 0.12
CA GLU A 211 -10.27 23.42 -0.93
C GLU A 211 -10.75 21.96 -0.83
N LEU A 212 -10.86 21.44 0.38
CA LEU A 212 -11.42 20.09 0.54
C LEU A 212 -12.86 19.99 -0.02
N GLU A 213 -13.68 21.00 0.23
CA GLU A 213 -15.05 20.99 -0.27
C GLU A 213 -15.18 21.25 -1.76
N ASN A 214 -14.25 22.00 -2.34
CA ASN A 214 -14.13 22.09 -3.80
C ASN A 214 -13.71 20.75 -4.42
N LEU A 215 -12.78 20.06 -3.77
CA LEU A 215 -12.37 18.72 -4.19
C LEU A 215 -13.54 17.72 -4.09
N ARG A 216 -14.28 17.77 -2.98
CA ARG A 216 -15.49 16.96 -2.79
C ARG A 216 -16.49 17.18 -3.90
N SER A 217 -16.75 18.46 -4.20
CA SER A 217 -17.58 18.88 -5.33
C SER A 217 -17.15 18.29 -6.68
N LEU A 218 -15.86 18.41 -7.02
CA LEU A 218 -15.34 17.86 -8.27
C LEU A 218 -15.49 16.32 -8.32
N LEU A 219 -15.03 15.64 -7.28
CA LEU A 219 -15.06 14.18 -7.28
C LEU A 219 -16.48 13.59 -7.30
N GLU A 220 -17.45 14.30 -6.69
CA GLU A 220 -18.90 13.95 -6.77
C GLU A 220 -19.43 13.87 -8.20
N SER A 221 -18.93 14.73 -9.08
CA SER A 221 -19.38 14.77 -10.47
C SER A 221 -18.50 13.89 -11.35
N THR A 222 -17.68 13.05 -10.73
CA THR A 222 -16.71 12.25 -11.47
C THR A 222 -17.02 10.78 -11.22
N PRO A 223 -17.73 10.14 -12.18
CA PRO A 223 -18.17 8.76 -11.93
C PRO A 223 -16.97 7.84 -11.78
N SER A 224 -17.06 6.92 -10.82
CA SER A 224 -15.97 5.97 -10.53
C SER A 224 -16.58 4.86 -9.70
N PRO A 225 -16.47 3.59 -10.16
CA PRO A 225 -17.07 2.48 -9.44
C PRO A 225 -16.44 2.24 -8.07
N VAL A 226 -17.26 1.90 -7.09
CA VAL A 226 -16.75 1.61 -5.76
C VAL A 226 -16.35 0.13 -5.72
N VAL A 227 -15.09 -0.11 -5.39
CA VAL A 227 -14.50 -1.47 -5.43
C VAL A 227 -13.69 -1.66 -4.17
N PHE A 228 -13.25 -2.89 -3.91
CA PHE A 228 -12.31 -3.10 -2.83
C PHE A 228 -10.90 -2.63 -3.25
N CYS A 229 -10.42 -1.53 -2.67
CA CYS A 229 -9.11 -0.96 -3.07
C CYS A 229 -8.00 -1.26 -2.06
N HIS A 230 -6.79 -1.37 -2.56
CA HIS A 230 -5.62 -1.54 -1.72
C HIS A 230 -5.35 -0.29 -0.92
N ASN A 231 -5.46 0.84 -1.59
CA ASN A 231 -5.26 2.20 -1.02
C ASN A 231 -3.83 2.60 -0.72
N ASP A 232 -2.87 1.72 -1.02
CA ASP A 232 -1.46 2.04 -0.73
C ASP A 232 -0.52 1.34 -1.74
N CYS A 233 -0.87 1.41 -3.02
CA CYS A 233 -0.06 0.73 -4.04
C CYS A 233 1.25 1.46 -4.43
N GLN A 234 2.14 1.63 -3.45
CA GLN A 234 3.52 2.11 -3.71
C GLN A 234 4.48 0.94 -3.96
N GLU A 235 5.62 1.24 -4.57
CA GLU A 235 6.67 0.28 -4.85
C GLU A 235 7.14 -0.56 -3.63
N GLY A 236 7.11 0.04 -2.43
CA GLY A 236 7.49 -0.65 -1.18
C GLY A 236 6.50 -1.74 -0.76
N ASN A 237 5.33 -1.74 -1.39
CA ASN A 237 4.29 -2.73 -1.12
C ASN A 237 4.12 -3.74 -2.26
N ILE A 238 5.03 -3.74 -3.21
CA ILE A 238 4.91 -4.70 -4.31
C ILE A 238 6.14 -5.60 -4.35
N LEU A 239 5.93 -6.92 -4.27
CA LEU A 239 7.04 -7.85 -4.30
C LEU A 239 7.40 -8.28 -5.72
N LEU A 240 8.69 -8.27 -6.02
CA LEU A 240 9.23 -8.91 -7.23
C LEU A 240 9.67 -10.29 -6.77
N LEU A 241 8.98 -11.32 -7.26
CA LEU A 241 9.10 -12.68 -6.71
C LEU A 241 10.42 -13.27 -7.15
N GLU A 242 11.16 -13.84 -6.20
CA GLU A 242 12.44 -14.47 -6.48
C GLU A 242 12.34 -15.54 -7.59
N GLY A 243 13.28 -15.52 -8.52
CA GLY A 243 13.30 -16.49 -9.61
C GLY A 243 12.38 -16.16 -10.79
N ARG A 244 11.45 -15.21 -10.62
CA ARG A 244 10.47 -14.86 -11.66
C ARG A 244 10.85 -13.59 -12.40
N GLU A 245 12.04 -13.03 -12.10
CA GLU A 245 12.49 -11.74 -12.67
C GLU A 245 12.46 -11.68 -14.20
N ASN A 246 12.80 -12.80 -14.84
CA ASN A 246 12.88 -12.85 -16.28
C ASN A 246 11.63 -13.49 -16.90
N SER A 247 10.59 -13.62 -16.08
CA SER A 247 9.31 -14.15 -16.53
C SER A 247 8.43 -13.01 -17.04
N GLU A 248 7.64 -13.29 -18.08
CA GLU A 248 6.85 -12.25 -18.74
C GLU A 248 5.73 -11.68 -17.88
N LYS A 249 4.90 -12.58 -17.37
CA LYS A 249 3.81 -12.20 -16.49
C LYS A 249 4.05 -12.85 -15.14
N GLN A 250 3.16 -12.57 -14.21
CA GLN A 250 3.13 -13.28 -12.91
C GLN A 250 4.45 -13.20 -12.13
N LYS A 251 5.09 -12.03 -12.16
CA LYS A 251 6.29 -11.87 -11.34
C LYS A 251 6.12 -10.98 -10.10
N LEU A 252 4.91 -10.50 -9.84
CA LEU A 252 4.66 -9.58 -8.74
C LEU A 252 3.63 -10.11 -7.72
N MET A 253 3.63 -9.54 -6.52
CA MET A 253 2.56 -9.72 -5.55
C MET A 253 2.34 -8.40 -4.84
N LEU A 254 1.09 -7.96 -4.76
CA LEU A 254 0.74 -6.83 -3.89
C LEU A 254 0.69 -7.30 -2.45
N ILE A 255 1.36 -6.58 -1.55
CA ILE A 255 1.24 -6.93 -0.12
C ILE A 255 0.88 -5.71 0.74
N ASP A 256 0.78 -5.90 2.06
CA ASP A 256 0.48 -4.82 3.02
C ASP A 256 -0.90 -4.22 2.79
N PHE A 257 -1.91 -4.90 3.32
CA PHE A 257 -3.30 -4.53 3.07
C PHE A 257 -3.93 -3.73 4.19
N GLU A 258 -3.13 -3.23 5.12
CA GLU A 258 -3.73 -2.68 6.33
C GLU A 258 -4.62 -1.45 6.10
N TYR A 259 -4.47 -0.80 4.95
CA TYR A 259 -5.30 0.36 4.63
C TYR A 259 -6.43 0.06 3.66
N SER A 260 -6.57 -1.20 3.24
CA SER A 260 -7.54 -1.56 2.23
C SER A 260 -8.97 -1.34 2.69
N SER A 261 -9.84 -0.90 1.78
CA SER A 261 -11.24 -0.66 2.13
C SER A 261 -12.02 -0.51 0.84
N TYR A 262 -13.34 -0.57 0.90
CA TYR A 262 -14.11 -0.16 -0.30
C TYR A 262 -13.96 1.34 -0.53
N ASN A 263 -13.76 1.73 -1.79
CA ASN A 263 -13.34 3.09 -2.11
C ASN A 263 -13.56 3.28 -3.61
N TYR A 264 -13.41 4.52 -4.06
CA TYR A 264 -13.49 4.81 -5.47
C TYR A 264 -12.28 4.26 -6.20
N ARG A 265 -12.56 3.48 -7.25
CA ARG A 265 -11.50 2.86 -8.06
C ARG A 265 -10.49 3.89 -8.54
N GLY A 266 -10.99 5.06 -8.92
CA GLY A 266 -10.11 6.15 -9.40
C GLY A 266 -9.02 6.48 -8.38
N PHE A 267 -9.37 6.41 -7.10
CA PHE A 267 -8.38 6.66 -6.05
C PHE A 267 -7.23 5.68 -6.08
N ASP A 268 -7.52 4.37 -6.14
CA ASP A 268 -6.45 3.37 -6.13
C ASP A 268 -5.48 3.60 -7.30
N ILE A 269 -6.05 3.80 -8.50
CA ILE A 269 -5.19 3.96 -9.66
C ILE A 269 -4.47 5.28 -9.61
N GLY A 270 -5.18 6.35 -9.28
CA GLY A 270 -4.58 7.70 -9.21
C GLY A 270 -3.53 7.77 -8.12
N ASN A 271 -3.79 7.12 -6.99
CA ASN A 271 -2.77 7.02 -5.94
C ASN A 271 -1.50 6.33 -6.43
N HIS A 272 -1.68 5.25 -7.17
CA HIS A 272 -0.53 4.53 -7.70
C HIS A 272 0.24 5.38 -8.67
N PHE A 273 -0.46 6.15 -9.49
CA PHE A 273 0.21 7.05 -10.42
C PHE A 273 1.02 8.08 -9.67
N CYS A 274 0.45 8.59 -8.58
CA CYS A 274 1.18 9.55 -7.77
C CYS A 274 2.52 8.99 -7.27
N GLU A 275 2.55 7.69 -6.97
CA GLU A 275 3.74 7.04 -6.40
C GLU A 275 4.93 6.96 -7.35
N TRP A 276 4.69 7.13 -8.64
CA TRP A 276 5.80 7.24 -9.60
C TRP A 276 6.71 8.40 -9.29
N MET A 277 6.15 9.44 -8.65
CA MET A 277 6.89 10.69 -8.38
C MET A 277 7.70 10.74 -7.09
N TYR A 278 7.53 9.76 -6.21
CA TYR A 278 8.14 9.81 -4.86
C TYR A 278 9.05 8.62 -4.60
N ASP A 279 10.26 8.92 -4.16
CA ASP A 279 11.26 7.90 -3.90
C ASP A 279 11.62 7.93 -2.42
N TYR A 280 11.29 6.87 -1.69
CA TYR A 280 11.49 6.82 -0.24
C TYR A 280 12.84 6.20 0.18
N SER A 281 13.80 6.15 -0.75
CA SER A 281 15.11 5.54 -0.47
C SER A 281 16.27 6.56 -0.39
N TYR A 282 15.93 7.84 -0.48
CA TYR A 282 16.90 8.92 -0.29
C TYR A 282 17.44 8.78 1.13
N GLU A 283 18.76 8.68 1.25
CA GLU A 283 19.37 8.29 2.52
C GLU A 283 19.78 9.51 3.35
N LYS A 284 19.47 10.70 2.85
CA LYS A 284 19.68 11.96 3.58
C LYS A 284 18.39 12.79 3.72
N TYR A 285 18.33 13.61 4.77
CA TYR A 285 17.16 14.46 5.05
C TYR A 285 16.74 15.23 3.79
N PRO A 286 15.42 15.30 3.47
CA PRO A 286 14.24 14.85 4.21
C PRO A 286 13.86 13.36 4.09
N PHE A 287 14.75 12.58 3.46
CA PHE A 287 14.60 11.11 3.35
C PHE A 287 13.58 10.67 2.30
N PHE A 288 13.34 11.57 1.35
CA PHE A 288 12.54 11.28 0.16
C PHE A 288 12.94 12.26 -0.94
N ARG A 289 12.77 11.80 -2.18
CA ARG A 289 12.84 12.66 -3.36
C ARG A 289 11.54 12.72 -4.18
N ALA A 290 11.17 13.93 -4.59
CA ALA A 290 9.95 14.16 -5.35
C ALA A 290 10.35 14.73 -6.70
N ASN A 291 9.74 14.18 -7.75
CA ASN A 291 10.00 14.62 -9.11
C ASN A 291 8.68 14.60 -9.91
N ILE A 292 8.10 15.77 -10.08
CA ILE A 292 6.86 15.94 -10.84
C ILE A 292 6.95 15.42 -12.28
N ARG A 293 8.15 15.40 -12.84
CA ARG A 293 8.33 15.06 -14.25
C ARG A 293 8.22 13.57 -14.46
N LYS A 294 8.24 12.82 -13.36
CA LYS A 294 8.12 11.36 -13.40
C LYS A 294 6.68 10.82 -13.26
N TYR A 295 5.70 11.68 -13.01
CA TYR A 295 4.29 11.26 -13.12
C TYR A 295 4.09 10.65 -14.52
N PRO A 296 3.34 9.54 -14.63
CA PRO A 296 3.16 8.90 -15.94
C PRO A 296 2.57 9.85 -17.00
N THR A 297 3.14 9.80 -18.21
CA THR A 297 2.57 10.55 -19.35
C THR A 297 1.24 9.91 -19.71
N LYS A 298 0.46 10.57 -20.54
CA LYS A 298 -0.83 10.01 -20.94
C LYS A 298 -0.63 8.69 -21.67
N LYS A 299 0.44 8.61 -22.47
CA LYS A 299 0.90 7.37 -23.11
C LYS A 299 1.09 6.25 -22.08
N GLN A 300 1.85 6.54 -21.03
CA GLN A 300 2.09 5.55 -19.99
C GLN A 300 0.81 5.16 -19.23
N GLN A 301 -0.07 6.12 -19.01
CA GLN A 301 -1.34 5.82 -18.32
C GLN A 301 -2.21 4.94 -19.17
N LEU A 302 -2.28 5.25 -20.46
CA LEU A 302 -2.99 4.39 -21.39
C LEU A 302 -2.51 2.95 -21.40
N HIS A 303 -1.20 2.74 -21.36
CA HIS A 303 -0.63 1.40 -21.27
C HIS A 303 -1.11 0.65 -20.06
N PHE A 304 -1.07 1.32 -18.91
CA PHE A 304 -1.57 0.78 -17.65
C PHE A 304 -3.07 0.46 -17.72
N ILE A 305 -3.89 1.41 -18.15
CA ILE A 305 -5.31 1.11 -18.16
C ILE A 305 -5.70 0.03 -19.21
N SER A 306 -4.93 -0.06 -20.30
CA SER A 306 -5.18 -1.09 -21.32
C SER A 306 -4.94 -2.50 -20.77
N SER A 307 -4.10 -2.60 -19.74
CA SER A 307 -3.91 -3.86 -19.03
C SER A 307 -4.98 -4.06 -17.95
N TYR A 308 -5.32 -3.00 -17.24
CA TYR A 308 -6.31 -3.07 -16.17
C TYR A 308 -7.68 -3.52 -16.68
N LEU A 309 -8.15 -2.88 -17.73
CA LEU A 309 -9.54 -3.09 -18.18
C LEU A 309 -9.90 -4.54 -18.52
N PRO A 310 -9.07 -5.22 -19.35
CA PRO A 310 -9.44 -6.60 -19.66
C PRO A 310 -9.25 -7.55 -18.47
N ALA A 311 -8.41 -7.16 -17.51
CA ALA A 311 -8.28 -7.92 -16.27
C ALA A 311 -9.46 -7.67 -15.34
N PHE A 312 -10.18 -6.58 -15.51
CA PHE A 312 -11.29 -6.19 -14.62
C PHE A 312 -12.68 -6.56 -15.18
N GLN A 313 -12.79 -6.52 -16.51
CA GLN A 313 -14.03 -6.78 -17.26
C GLN A 313 -13.58 -7.73 -18.38
N ASN A 314 -13.68 -9.04 -18.19
CA ASN A 314 -12.98 -9.97 -19.11
C ASN A 314 -13.43 -10.04 -20.59
N ASP A 315 -14.66 -9.65 -20.90
CA ASP A 315 -15.13 -9.52 -22.30
C ASP A 315 -14.76 -8.14 -22.92
N PHE A 316 -13.99 -7.37 -22.19
CA PHE A 316 -13.47 -6.09 -22.69
C PHE A 316 -12.84 -6.20 -24.10
N GLU A 317 -12.04 -7.23 -24.38
CA GLU A 317 -11.36 -7.34 -25.69
C GLU A 317 -12.34 -7.51 -26.85
N ASN A 318 -13.54 -8.00 -26.54
CA ASN A 318 -14.59 -8.18 -27.54
C ASN A 318 -15.33 -6.91 -27.95
N LEU A 319 -15.10 -5.80 -27.21
CA LEU A 319 -15.67 -4.51 -27.58
C LEU A 319 -14.97 -3.96 -28.82
N SER A 320 -15.67 -3.09 -29.56
CA SER A 320 -15.12 -2.46 -30.76
C SER A 320 -14.03 -1.47 -30.34
N THR A 321 -13.07 -1.21 -31.25
CA THR A 321 -11.98 -0.24 -30.96
C THR A 321 -12.58 1.07 -30.49
N GLU A 322 -13.69 1.49 -31.13
CA GLU A 322 -14.38 2.73 -30.75
C GLU A 322 -14.92 2.71 -29.29
N GLU A 323 -15.54 1.62 -28.89
CA GLU A 323 -16.12 1.57 -27.54
C GLU A 323 -15.07 1.54 -26.43
N LYS A 324 -13.99 0.78 -26.67
CA LYS A 324 -12.82 0.70 -25.79
C LYS A 324 -12.18 2.07 -25.64
N SER A 325 -12.12 2.82 -26.75
CA SER A 325 -11.49 4.15 -26.72
CA SER A 325 -11.51 4.17 -26.75
C SER A 325 -12.23 5.13 -25.81
N ILE A 326 -13.56 5.07 -25.82
CA ILE A 326 -14.43 5.91 -24.96
C ILE A 326 -14.17 5.58 -23.50
N ILE A 327 -14.23 4.30 -23.18
CA ILE A 327 -13.99 3.81 -21.82
C ILE A 327 -12.61 4.31 -21.34
N LYS A 328 -11.58 4.12 -22.16
CA LYS A 328 -10.22 4.55 -21.82
C LYS A 328 -10.11 6.05 -21.59
N GLU A 329 -10.75 6.84 -22.45
CA GLU A 329 -10.70 8.31 -22.31
C GLU A 329 -11.33 8.77 -21.02
N GLU A 330 -12.48 8.19 -20.69
CA GLU A 330 -13.22 8.54 -19.50
C GLU A 330 -12.43 8.12 -18.27
N MET A 331 -11.73 7.00 -18.37
CA MET A 331 -10.89 6.51 -17.26
C MET A 331 -9.71 7.43 -17.00
N LEU A 332 -9.09 7.93 -18.07
CA LEU A 332 -7.98 8.89 -17.97
C LEU A 332 -8.43 10.11 -17.15
N LEU A 333 -9.58 10.70 -17.48
CA LEU A 333 -10.12 11.80 -16.68
C LEU A 333 -10.43 11.41 -15.22
N GLU A 334 -11.07 10.26 -15.02
CA GLU A 334 -11.39 9.74 -13.68
C GLU A 334 -10.15 9.63 -12.78
N VAL A 335 -9.11 9.00 -13.29
CA VAL A 335 -7.95 8.66 -12.45
C VAL A 335 -7.14 9.89 -12.14
N ASN A 336 -7.06 10.81 -13.09
CA ASN A 336 -6.29 12.03 -12.86
C ASN A 336 -6.99 13.04 -11.95
N ARG A 337 -8.32 13.04 -11.95
CA ARG A 337 -9.04 13.80 -10.92
C ARG A 337 -8.86 13.20 -9.53
N PHE A 338 -8.95 11.87 -9.44
CA PHE A 338 -8.83 11.21 -8.14
C PHE A 338 -7.40 11.28 -7.58
N ALA A 339 -6.40 11.36 -8.46
CA ALA A 339 -5.01 11.55 -8.06
C ALA A 339 -4.88 12.80 -7.16
N LEU A 340 -5.71 13.83 -7.40
CA LEU A 340 -5.71 15.00 -6.51
C LEU A 340 -6.05 14.62 -5.08
N ALA A 341 -6.96 13.66 -4.91
CA ALA A 341 -7.31 13.18 -3.56
C ALA A 341 -6.16 12.43 -2.88
N SER A 342 -5.32 11.76 -3.68
CA SER A 342 -4.10 11.16 -3.13
C SER A 342 -3.16 12.20 -2.53
N HIS A 343 -2.97 13.31 -3.24
CA HIS A 343 -2.13 14.40 -2.72
C HIS A 343 -2.71 14.98 -1.48
N PHE A 344 -4.03 15.24 -1.49
CA PHE A 344 -4.66 15.98 -0.40
C PHE A 344 -4.66 15.10 0.83
N LEU A 345 -5.11 13.85 0.66
CA LEU A 345 -5.10 12.89 1.76
C LEU A 345 -3.73 12.65 2.41
N TRP A 346 -2.74 12.23 1.61
CA TRP A 346 -1.43 11.91 2.21
C TRP A 346 -0.68 13.13 2.64
N GLY A 347 -1.00 14.28 2.06
CA GLY A 347 -0.42 15.55 2.52
C GLY A 347 -0.90 15.83 3.95
N LEU A 348 -2.19 15.66 4.18
CA LEU A 348 -2.76 15.90 5.53
C LEU A 348 -2.23 14.83 6.49
N TRP A 349 -2.24 13.60 6.04
CA TRP A 349 -1.72 12.47 6.79
C TRP A 349 -0.33 12.75 7.28
N SER A 350 0.52 13.28 6.40
CA SER A 350 1.91 13.55 6.74
C SER A 350 2.05 14.62 7.82
N ILE A 351 1.16 15.60 7.83
CA ILE A 351 1.21 16.66 8.86
C ILE A 351 0.94 16.00 10.20
N VAL A 352 -0.07 15.14 10.23
CA VAL A 352 -0.45 14.43 11.47
C VAL A 352 0.76 13.63 11.95
N GLN A 353 1.46 12.99 11.02
CA GLN A 353 2.62 12.17 11.37
C GLN A 353 3.76 13.00 11.94
N ALA A 354 3.96 14.20 11.40
CA ALA A 354 4.97 15.14 11.91
C ALA A 354 4.74 15.44 13.39
N LYS A 355 3.47 15.42 13.79
CA LYS A 355 3.05 15.61 15.19
C LYS A 355 3.19 14.34 16.03
N ILE A 356 2.68 13.22 15.51
CA ILE A 356 2.50 12.00 16.34
C ILE A 356 3.47 10.84 16.06
N SER A 357 4.25 10.91 14.99
CA SER A 357 5.18 9.82 14.67
C SER A 357 6.48 9.88 15.49
N SER A 358 7.28 8.82 15.40
CA SER A 358 8.62 8.78 16.01
C SER A 358 9.70 8.19 15.06
N ILE A 359 9.34 8.12 13.77
CA ILE A 359 10.25 7.64 12.73
C ILE A 359 10.91 8.84 12.04
N GLU A 360 12.22 8.72 11.79
CA GLU A 360 13.02 9.77 11.18
C GLU A 360 12.71 9.99 9.68
N PHE A 361 11.98 11.06 9.38
CA PHE A 361 11.50 11.34 8.02
C PHE A 361 11.01 12.78 7.98
N GLY A 362 11.26 13.47 6.87
CA GLY A 362 10.83 14.86 6.70
C GLY A 362 9.34 15.00 6.37
N TYR A 363 8.49 14.70 7.35
CA TYR A 363 7.01 14.72 7.16
C TYR A 363 6.42 16.07 6.72
N MET A 364 6.92 17.17 7.28
CA MET A 364 6.38 18.48 6.90
C MET A 364 6.78 18.85 5.46
N ASP A 365 8.03 18.57 5.12
CA ASP A 365 8.53 18.79 3.77
C ASP A 365 7.76 17.92 2.80
N TYR A 366 7.44 16.70 3.23
CA TYR A 366 6.67 15.78 2.39
C TYR A 366 5.25 16.28 2.14
N ALA A 367 4.59 16.75 3.20
CA ALA A 367 3.29 17.41 3.09
C ALA A 367 3.36 18.56 2.08
N GLN A 368 4.37 19.42 2.20
CA GLN A 368 4.51 20.52 1.23
C GLN A 368 4.65 20.00 -0.21
N ALA A 369 5.38 18.90 -0.39
CA ALA A 369 5.56 18.32 -1.73
C ALA A 369 4.23 17.82 -2.26
N ARG A 370 3.42 17.22 -1.40
CA ARG A 370 2.14 16.70 -1.88
C ARG A 370 1.20 17.86 -2.25
N PHE A 371 1.21 18.94 -1.45
CA PHE A 371 0.36 20.09 -1.75
C PHE A 371 0.85 20.83 -2.99
N ASP A 372 2.16 20.87 -3.19
CA ASP A 372 2.75 21.48 -4.40
C ASP A 372 2.21 20.73 -5.62
N ALA A 373 2.23 19.41 -5.55
CA ALA A 373 1.73 18.59 -6.65
C ALA A 373 0.22 18.70 -6.85
N TYR A 374 -0.53 18.81 -5.75
CA TYR A 374 -1.98 19.04 -5.80
C TYR A 374 -2.31 20.23 -6.70
N PHE A 375 -1.71 21.38 -6.41
CA PHE A 375 -2.01 22.59 -7.18
C PHE A 375 -1.47 22.56 -8.62
N HIS A 376 -0.31 21.91 -8.81
CA HIS A 376 0.26 21.76 -10.14
C HIS A 376 -0.66 20.94 -11.04
N GLN A 377 -1.14 19.82 -10.50
CA GLN A 377 -2.02 18.93 -11.26
C GLN A 377 -3.37 19.60 -11.50
N LYS A 378 -3.87 20.30 -10.48
CA LYS A 378 -5.13 21.04 -10.59
C LYS A 378 -5.08 22.06 -11.74
N ARG A 379 -3.97 22.81 -11.81
CA ARG A 379 -3.73 23.78 -12.90
C ARG A 379 -3.79 23.08 -14.27
N LYS A 380 -3.06 21.98 -14.40
CA LYS A 380 -3.05 21.16 -15.62
C LYS A 380 -4.42 20.56 -16.00
N LEU A 381 -5.25 20.25 -15.00
CA LEU A 381 -6.59 19.74 -15.29
C LEU A 381 -7.50 20.86 -15.77
N GLY A 382 -7.20 22.09 -15.36
CA GLY A 382 -8.05 23.23 -15.64
C GLY A 382 -9.19 23.37 -14.65
N VAL A 383 -9.10 22.64 -13.54
CA VAL A 383 -10.08 22.72 -12.46
C VAL A 383 -9.90 24.02 -11.71
#